data_6MEC
#
_entry.id   6MEC
#
_cell.length_a   1.00
_cell.length_b   1.00
_cell.length_c   1.00
_cell.angle_alpha   90.00
_cell.angle_beta   90.00
_cell.angle_gamma   90.00
#
_symmetry.space_group_name_H-M   'P 1'
#
loop_
_entity.id
_entity.type
_entity.pdbx_description
1 polymer 'T.el4h RNA'
2 polymer 'Sense Target DNA'
3 polymer 'Maturase reverse transcriptase'
4 non-polymer 'MAGNESIUM ION'
5 non-polymer 'SODIUM ION'
#
loop_
_entity_poly.entity_id
_entity_poly.type
_entity_poly.pdbx_seq_one_letter_code
_entity_poly.pdbx_strand_id
1 'polydeoxyribonucleotide/polyribonucleotide hybrid'
;UUGCGACGCGAAAGCUAGCCAGAUGAUUGUCCCACUAGCCCAACAAGCUAGAACGGGACCGGUUGUUCCCCCAACCGUAG
CCUAGGGAGGCAUGCGUGACUGGUAACGGUCAGGUGUGAAGCCCUCCCGACAAUGUAGCCCGAACCGCAAGGUUGAAGCU
GAAUCCGUGAGGAGGAAGCAACUUCACCAGUGUCAGGUGAUAGGGAACUAGGCUUGAGGGUAUGGUGAGCACAUGCGAAG
UGAUGUCAGAAGCCUCGUCACAGACCAACAGGCCAAAGACACUGAUAGGCCUGAGCCAAAACGGCAAAUGGAUAGGCUAC
AUCGCUCGCUCGUCGGUGUACGGGGACGUCAAUCCAUCGGGGCACAGUCACCACCUAACCCCUCGUGUCAUCUGGUUGGA
ACGCGGUAAGCCCGUAUCCUCGCCUUGAACACUCAAGGCAGGCAAACCGUAAGGAAUGCUGAUGGGGGUGCGGGUAUGGG
AUGCAGGAGAAAGCGAAUGCCGGUCUGUAAUGGACCGGAUAGGGGUUGAGGAGACAAUCCAACAUCACCCCGCCCGAAAG
GGAGCAGACUUCCUGCUGGUCUCUCUUUGCGAGAUAGCCUGUAGAACCUCUUGAAUGGAGACAAGGCAAAUGGCAGUGGA
ACAAACCACUGGUGCGGUCACCAACCAAACGGAAACAAGCUGGCACAGCAUAGACUGGGCCAAAGCCAACCGUGAGGUAA
AGAGGCUGCAAGUGCGUAUCGCAAAGGCGUUCGCGCCGGUUCCUCUUGAAAGAGGGGCUUUGAGAGGCCUGAGCCGGAUG
UGGGGAAACUCACAAGUCCGGUUCUUAGGGGGCGGGGAUGGCAGUAAUGCCUCCCUGCUACCCGGCG
;
A
2 'polydeoxyribonucleotide'
;(DG)(DA)(DT)(DA)(DG)(DA)(DG)(DA)(DT)(DT)(DT)(DT)(DC)(DC)(DC)(DA)(DG)(DG)(DG)(DT)
(DT)(DG)(DG)(DC)(DC)(DG)(DA)(DG)(DC)(DG)(DG)(DA)(DT)(DG)(DA)(DG)(DG)(DC)(DA)(DG)
(DC)(DG)(DA)(DA)(DC)
;
B
3 'polypeptide(L)'
;METRQMAVEQTTGAVTNQTETSWHSIDWAKANREVKRLQVRIAKAVKEGRWGKVKALQWLLTHSFYGKALAVKRVTDNSG
SKTPGVDGITWSTQEQKAQAIKSLRRRGYKPQPLRRVYIPKASGKQRPLGIPTTKDRAMQALYALALEPVAETTADRNSY
GFRQGRCTADAAGQCFTVLGRSDCAKYILDADITGCFDNISHEWLLDNIPLDKEVLRKWLKSGFVWKQQLFPTHAGTPQG
GVISPMLANMTLDGMEELLKKHLRKQKVNLIRYADDFVVTGESKETLEKVTTVIQEFLKERGLTLSEEKTKVVHIEEGFD
FLGWNIRKYGEKLLIKPAKKNIKAFHKKIRDALKELRTATQEAVIDTLNPIIKGWANYHRNQVSKRIFNRADDNIWHKLW
RWAKRRHPNKPARWTKNKYFIKIGNRHWVFGTWKKDKEGRLRSRYLIKAGDTRIQRHVKIKADANPFLPEWAEYFEERKK
LKEAPAQYRRIRRELWKKQGGICPVCGGEIEQDMLTEIHHILPKHKGGSDDLDNLVLIHANCHKQVHSRDGQHSRFLLKE
GL
;
C
#
# COMPACT_ATOMS: atom_id res chain seq x y z
N ASP C 27 2.63 -26.74 15.60
CA ASP C 27 1.29 -27.08 15.18
C ASP C 27 0.97 -26.40 13.86
N TRP C 28 1.92 -25.61 13.37
CA TRP C 28 1.71 -24.74 12.22
C TRP C 28 1.63 -25.50 10.90
N ALA C 29 1.86 -26.81 10.92
CA ALA C 29 1.56 -27.66 9.79
C ALA C 29 0.07 -27.75 9.50
N LYS C 30 -0.78 -27.40 10.47
CA LYS C 30 -2.22 -27.48 10.31
C LYS C 30 -2.94 -26.16 10.54
N ALA C 31 -2.39 -25.27 11.35
CA ALA C 31 -3.16 -24.14 11.87
C ALA C 31 -3.40 -23.09 10.81
N ASN C 32 -2.63 -23.08 9.73
CA ASN C 32 -3.07 -22.29 8.59
C ASN C 32 -4.24 -22.95 7.90
N ARG C 33 -4.24 -24.29 7.84
CA ARG C 33 -5.16 -24.99 6.94
C ARG C 33 -6.59 -24.89 7.40
N GLU C 34 -6.86 -25.21 8.66
CA GLU C 34 -8.25 -25.25 9.10
C GLU C 34 -8.81 -23.84 9.22
N VAL C 35 -7.96 -22.88 9.61
CA VAL C 35 -8.33 -21.47 9.57
C VAL C 35 -8.76 -21.08 8.17
N LYS C 36 -7.94 -21.41 7.17
CA LYS C 36 -8.23 -21.01 5.81
C LYS C 36 -9.45 -21.72 5.24
N ARG C 37 -9.71 -22.95 5.67
CA ARG C 37 -10.93 -23.61 5.22
C ARG C 37 -12.15 -22.93 5.82
N LEU C 38 -12.03 -22.47 7.06
CA LEU C 38 -13.13 -21.76 7.68
C LEU C 38 -13.35 -20.41 6.98
N GLN C 39 -12.26 -19.75 6.57
CA GLN C 39 -12.32 -18.53 5.75
C GLN C 39 -13.10 -18.78 4.45
N VAL C 40 -12.79 -19.89 3.78
CA VAL C 40 -13.48 -20.30 2.57
C VAL C 40 -14.98 -20.46 2.82
N ARG C 41 -15.34 -21.08 3.93
CA ARG C 41 -16.77 -21.25 4.25
C ARG C 41 -17.44 -19.93 4.54
N ILE C 42 -16.74 -18.98 5.17
CA ILE C 42 -17.31 -17.66 5.42
C ILE C 42 -17.55 -16.92 4.10
N ALA C 43 -16.65 -17.11 3.13
CA ALA C 43 -16.85 -16.52 1.82
C ALA C 43 -18.03 -17.13 1.09
N LYS C 44 -18.16 -18.46 1.15
CA LYS C 44 -19.31 -19.14 0.57
C LYS C 44 -20.60 -18.70 1.22
N ALA C 45 -20.55 -18.34 2.50
CA ALA C 45 -21.74 -17.81 3.15
C ALA C 45 -22.09 -16.42 2.66
N VAL C 46 -21.11 -15.55 2.44
CA VAL C 46 -21.41 -14.21 1.93
C VAL C 46 -21.86 -14.25 0.47
N LYS C 47 -21.50 -15.30 -0.28
CA LYS C 47 -21.89 -15.25 -1.69
C LYS C 47 -23.37 -15.60 -1.90
N GLU C 48 -24.01 -16.29 -0.97
CA GLU C 48 -25.47 -16.21 -0.87
C GLU C 48 -25.80 -15.27 0.27
N GLY C 49 -27.07 -15.22 0.66
CA GLY C 49 -27.44 -14.19 1.62
C GLY C 49 -26.89 -14.42 3.01
N ARG C 50 -27.48 -15.36 3.75
CA ARG C 50 -26.96 -16.10 4.89
C ARG C 50 -25.98 -15.37 5.79
N TRP C 51 -26.29 -14.13 6.16
CA TRP C 51 -25.47 -13.44 7.12
C TRP C 51 -25.60 -14.05 8.50
N GLY C 52 -26.64 -14.85 8.74
CA GLY C 52 -26.66 -15.70 9.90
C GLY C 52 -25.51 -16.69 9.89
N LYS C 53 -25.27 -17.34 8.75
CA LYS C 53 -24.13 -18.24 8.62
C LYS C 53 -22.81 -17.50 8.78
N VAL C 54 -22.76 -16.25 8.30
CA VAL C 54 -21.57 -15.43 8.40
C VAL C 54 -21.25 -15.12 9.84
N LYS C 55 -22.23 -14.60 10.58
CA LYS C 55 -22.01 -14.23 11.96
C LYS C 55 -21.78 -15.44 12.82
N ALA C 56 -22.35 -16.58 12.44
CA ALA C 56 -22.08 -17.82 13.16
C ALA C 56 -20.65 -18.27 12.95
N LEU C 57 -20.17 -18.33 11.71
CA LEU C 57 -18.82 -18.81 11.49
C LEU C 57 -17.77 -17.80 11.93
N GLN C 58 -18.11 -16.51 11.99
CA GLN C 58 -17.20 -15.56 12.61
C GLN C 58 -17.15 -15.76 14.12
N TRP C 59 -18.29 -16.06 14.74
CA TRP C 59 -18.28 -16.39 16.16
C TRP C 59 -17.52 -17.67 16.43
N LEU C 60 -17.50 -18.56 15.46
CA LEU C 60 -16.78 -19.81 15.64
C LEU C 60 -15.29 -19.66 15.42
N LEU C 61 -14.88 -18.95 14.37
CA LEU C 61 -13.46 -18.76 14.08
C LEU C 61 -12.83 -17.81 15.07
N THR C 62 -13.61 -16.90 15.64
CA THR C 62 -13.12 -16.12 16.77
C THR C 62 -12.82 -17.01 17.95
N HIS C 63 -13.59 -18.08 18.13
CA HIS C 63 -13.44 -18.98 19.27
C HIS C 63 -12.88 -20.33 18.86
N SER C 64 -11.93 -20.31 17.94
CA SER C 64 -11.15 -21.50 17.62
C SER C 64 -9.83 -21.43 18.36
N PHE C 65 -9.23 -22.59 18.62
CA PHE C 65 -7.83 -22.60 19.05
C PHE C 65 -6.92 -22.07 17.96
N TYR C 66 -7.12 -22.56 16.74
CA TYR C 66 -6.29 -22.18 15.60
C TYR C 66 -6.34 -20.70 15.31
N GLY C 67 -7.50 -20.08 15.50
CA GLY C 67 -7.57 -18.64 15.37
C GLY C 67 -6.72 -17.91 16.39
N LYS C 68 -6.69 -18.40 17.63
CA LYS C 68 -5.91 -17.73 18.65
C LYS C 68 -4.42 -17.96 18.45
N ALA C 69 -4.06 -19.13 17.95
CA ALA C 69 -2.66 -19.40 17.65
C ALA C 69 -2.17 -18.56 16.49
N LEU C 70 -3.00 -18.42 15.46
CA LEU C 70 -2.65 -17.54 14.36
C LEU C 70 -2.61 -16.09 14.82
N ALA C 71 -3.44 -15.74 15.80
CA ALA C 71 -3.42 -14.40 16.33
C ALA C 71 -2.09 -14.09 17.01
N VAL C 72 -1.62 -15.01 17.86
CA VAL C 72 -0.36 -14.72 18.51
C VAL C 72 0.82 -14.83 17.57
N LYS C 73 0.77 -15.64 16.51
CA LYS C 73 1.88 -15.56 15.55
C LYS C 73 1.88 -14.25 14.79
N ARG C 74 0.72 -13.79 14.32
CA ARG C 74 0.70 -12.54 13.58
C ARG C 74 0.96 -11.34 14.47
N VAL C 75 0.85 -11.47 15.79
CA VAL C 75 1.38 -10.43 16.65
C VAL C 75 2.88 -10.56 16.75
N THR C 76 3.37 -11.72 17.20
CA THR C 76 4.75 -11.88 17.60
C THR C 76 5.75 -11.71 16.48
N ASP C 77 5.36 -11.90 15.23
CA ASP C 77 6.29 -11.70 14.13
C ASP C 77 6.21 -10.30 13.53
N ASN C 78 5.89 -9.29 14.33
CA ASN C 78 5.84 -7.91 13.88
C ASN C 78 6.60 -6.99 14.80
N SER C 79 7.67 -7.50 15.43
CA SER C 79 8.62 -6.76 16.26
C SER C 79 7.93 -6.07 17.44
N GLY C 80 7.40 -6.91 18.33
CA GLY C 80 6.67 -6.39 19.48
C GLY C 80 7.60 -5.75 20.49
N SER C 81 7.16 -4.63 21.05
CA SER C 81 7.94 -3.84 21.99
C SER C 81 7.02 -3.35 23.10
N LYS C 82 7.49 -2.35 23.82
CA LYS C 82 6.87 -1.92 25.07
C LYS C 82 5.61 -1.12 24.78
N THR C 83 4.56 -1.45 25.52
CA THR C 83 3.22 -0.88 25.54
C THR C 83 2.98 -0.30 26.95
N PRO C 84 1.79 0.27 27.25
CA PRO C 84 1.51 0.48 28.67
C PRO C 84 1.21 -0.80 29.43
N GLY C 85 0.34 -1.65 28.90
CA GLY C 85 0.14 -2.98 29.46
C GLY C 85 1.21 -3.91 28.94
N VAL C 86 2.40 -3.84 29.52
CA VAL C 86 3.60 -4.41 28.90
C VAL C 86 3.52 -5.92 28.95
N ASP C 87 3.88 -6.58 27.85
CA ASP C 87 4.03 -8.02 27.84
C ASP C 87 5.15 -8.46 26.93
N GLY C 88 5.37 -9.77 26.89
CA GLY C 88 6.47 -10.32 26.14
C GLY C 88 5.97 -11.15 24.98
N ILE C 89 6.91 -11.49 24.13
CA ILE C 89 6.70 -12.39 23.01
C ILE C 89 7.28 -13.77 23.30
N THR C 90 8.51 -13.79 23.82
CA THR C 90 9.30 -15.01 23.93
C THR C 90 8.90 -15.84 25.14
N TRP C 91 9.77 -16.77 25.51
CA TRP C 91 9.68 -17.80 26.54
C TRP C 91 8.74 -18.94 26.13
N SER C 92 8.07 -18.86 24.98
CA SER C 92 7.45 -19.98 24.26
C SER C 92 6.33 -20.69 25.04
N THR C 93 6.04 -20.23 26.24
CA THR C 93 4.81 -20.56 26.94
C THR C 93 3.83 -19.42 26.91
N GLN C 94 4.33 -18.19 26.84
CA GLN C 94 3.52 -16.99 26.64
C GLN C 94 2.73 -17.05 25.35
N GLU C 95 3.21 -17.77 24.33
CA GLU C 95 2.35 -18.13 23.22
C GLU C 95 1.18 -18.98 23.68
N GLN C 96 1.48 -20.16 24.26
CA GLN C 96 0.43 -21.11 24.58
C GLN C 96 -0.43 -20.61 25.73
N LYS C 97 0.17 -19.95 26.71
CA LYS C 97 -0.64 -19.41 27.78
C LYS C 97 -1.38 -18.15 27.36
N ALA C 98 -0.84 -17.40 26.40
CA ALA C 98 -1.57 -16.22 25.93
C ALA C 98 -2.83 -16.61 25.17
N GLN C 99 -2.71 -17.61 24.31
CA GLN C 99 -3.91 -18.06 23.61
C GLN C 99 -4.87 -18.77 24.56
N ALA C 100 -4.34 -19.44 25.59
CA ALA C 100 -5.22 -20.03 26.59
C ALA C 100 -5.90 -18.96 27.45
N ILE C 101 -5.29 -17.79 27.57
CA ILE C 101 -5.95 -16.69 28.28
C ILE C 101 -7.07 -16.11 27.44
N LYS C 102 -6.82 -15.87 26.15
CA LYS C 102 -7.92 -15.29 25.37
C LYS C 102 -8.90 -16.35 24.85
N SER C 103 -8.69 -17.62 25.22
CA SER C 103 -9.78 -18.59 25.18
C SER C 103 -10.98 -18.12 25.99
N LEU C 104 -10.72 -17.59 27.18
CA LEU C 104 -11.78 -16.92 27.94
C LEU C 104 -12.12 -15.55 27.38
N ARG C 105 -11.11 -14.80 26.93
CA ARG C 105 -11.22 -13.35 26.78
C ARG C 105 -11.87 -13.01 25.44
N ARG C 106 -13.20 -13.05 25.46
CA ARG C 106 -14.06 -12.30 24.56
C ARG C 106 -15.02 -11.54 25.45
N ARG C 107 -15.30 -12.11 26.62
CA ARG C 107 -16.33 -11.58 27.50
C ARG C 107 -15.86 -10.37 28.29
N GLY C 108 -14.82 -10.55 29.08
CA GLY C 108 -14.33 -9.44 29.86
C GLY C 108 -13.20 -8.76 29.14
N TYR C 109 -13.15 -8.94 27.83
CA TYR C 109 -12.14 -8.32 26.99
C TYR C 109 -12.27 -6.82 27.04
N LYS C 110 -11.32 -6.17 27.69
CA LYS C 110 -11.29 -4.72 27.80
C LYS C 110 -10.16 -4.21 26.93
N PRO C 111 -10.41 -3.17 26.14
CA PRO C 111 -9.31 -2.53 25.40
C PRO C 111 -8.66 -1.47 26.27
N GLN C 112 -7.34 -1.49 26.29
CA GLN C 112 -6.59 -0.44 26.94
C GLN C 112 -6.03 0.49 25.88
N PRO C 113 -5.65 1.73 26.23
CA PRO C 113 -5.18 2.66 25.21
C PRO C 113 -3.85 2.28 24.56
N LEU C 114 -3.39 3.14 23.68
CA LEU C 114 -2.22 2.86 22.88
C LEU C 114 -1.01 3.60 23.45
N ARG C 115 0.18 3.13 23.11
CA ARG C 115 1.39 3.84 23.51
C ARG C 115 1.74 4.77 22.36
N ARG C 116 1.39 6.04 22.52
CA ARG C 116 1.59 7.05 21.49
C ARG C 116 3.08 7.34 21.43
N VAL C 117 3.75 6.66 20.52
CA VAL C 117 5.20 6.74 20.37
C VAL C 117 5.51 6.83 18.89
N TYR C 118 6.37 7.78 18.53
CA TYR C 118 6.78 7.98 17.16
C TYR C 118 7.65 6.82 16.66
N ILE C 119 7.83 6.78 15.34
CA ILE C 119 9.04 6.23 14.76
C ILE C 119 9.69 7.38 14.00
N PRO C 120 10.96 7.68 14.26
CA PRO C 120 11.60 8.81 13.59
C PRO C 120 12.10 8.51 12.18
N LYS C 121 11.25 8.70 11.17
CA LYS C 121 11.67 8.53 9.78
C LYS C 121 12.67 9.61 9.34
N ALA C 122 13.24 9.43 8.15
CA ALA C 122 14.34 10.25 7.68
C ALA C 122 14.01 10.96 6.38
N SER C 123 12.84 10.67 5.81
CA SER C 123 12.38 11.35 4.61
C SER C 123 11.86 12.75 4.93
N GLY C 124 11.72 13.10 6.21
CA GLY C 124 11.39 14.44 6.61
C GLY C 124 10.47 14.59 7.81
N LYS C 125 10.00 13.52 8.43
CA LYS C 125 9.16 13.69 9.62
C LYS C 125 9.57 12.77 10.75
N GLN C 126 8.71 12.65 11.74
CA GLN C 126 8.74 11.56 12.70
C GLN C 126 7.33 11.00 12.77
N ARG C 127 7.08 9.95 11.99
CA ARG C 127 5.71 9.53 11.75
C ARG C 127 5.18 8.77 12.95
N PRO C 128 4.02 9.14 13.49
CA PRO C 128 3.52 8.48 14.69
C PRO C 128 2.97 7.10 14.38
N LEU C 129 2.93 6.26 15.39
CA LEU C 129 2.40 4.91 15.27
C LEU C 129 1.94 4.53 16.67
N GLY C 130 0.64 4.59 16.91
CA GLY C 130 0.11 4.25 18.21
C GLY C 130 0.35 2.79 18.50
N ILE C 131 0.93 2.49 19.66
CA ILE C 131 1.41 1.15 19.97
C ILE C 131 0.43 0.52 20.94
N PRO C 132 -0.38 -0.46 20.51
CA PRO C 132 -1.37 -1.06 21.39
C PRO C 132 -0.85 -2.34 22.05
N THR C 133 -1.60 -2.79 23.05
CA THR C 133 -1.25 -3.95 23.85
C THR C 133 -1.28 -5.22 23.00
N THR C 134 -0.39 -6.17 23.33
CA THR C 134 -0.26 -7.37 22.51
C THR C 134 -1.49 -8.27 22.62
N LYS C 135 -2.24 -8.19 23.72
CA LYS C 135 -3.53 -8.87 23.74
C LYS C 135 -4.52 -8.17 22.83
N ASP C 136 -4.48 -6.83 22.79
CA ASP C 136 -5.34 -6.10 21.86
C ASP C 136 -4.91 -6.39 20.44
N ARG C 137 -3.62 -6.57 20.20
CA ARG C 137 -3.19 -6.90 18.85
C ARG C 137 -3.56 -8.31 18.48
N ALA C 138 -3.60 -9.21 19.46
CA ALA C 138 -4.08 -10.56 19.18
C ALA C 138 -5.55 -10.56 18.83
N MET C 139 -6.33 -9.70 19.47
CA MET C 139 -7.73 -9.62 19.12
C MET C 139 -7.92 -8.90 17.79
N GLN C 140 -7.01 -7.98 17.45
CA GLN C 140 -7.06 -7.39 16.12
C GLN C 140 -6.70 -8.41 15.06
N ALA C 141 -5.81 -9.34 15.36
CA ALA C 141 -5.50 -10.36 14.36
C ALA C 141 -6.62 -11.39 14.25
N LEU C 142 -7.28 -11.71 15.37
CA LEU C 142 -8.45 -12.59 15.33
C LEU C 142 -9.59 -12.01 14.51
N TYR C 143 -10.01 -10.79 14.84
CA TYR C 143 -11.10 -10.23 14.07
C TYR C 143 -10.66 -9.77 12.69
N ALA C 144 -9.36 -9.63 12.45
CA ALA C 144 -8.88 -9.39 11.10
C ALA C 144 -9.10 -10.61 10.23
N LEU C 145 -8.68 -11.78 10.72
CA LEU C 145 -8.89 -12.97 9.90
C LEU C 145 -10.31 -13.47 9.99
N ALA C 146 -11.15 -12.86 10.81
CA ALA C 146 -12.59 -13.05 10.61
C ALA C 146 -13.12 -12.14 9.52
N LEU C 147 -12.66 -10.88 9.48
CA LEU C 147 -13.17 -9.93 8.49
C LEU C 147 -12.75 -10.23 7.07
N GLU C 148 -11.59 -10.87 6.88
CA GLU C 148 -10.99 -10.96 5.55
C GLU C 148 -11.86 -11.62 4.47
N PRO C 149 -12.48 -12.79 4.65
CA PRO C 149 -13.24 -13.34 3.53
C PRO C 149 -14.56 -12.64 3.28
N VAL C 150 -15.11 -11.94 4.26
CA VAL C 150 -16.24 -11.10 3.94
C VAL C 150 -15.78 -9.87 3.17
N ALA C 151 -14.61 -9.34 3.50
CA ALA C 151 -14.12 -8.16 2.82
C ALA C 151 -13.56 -8.43 1.43
N GLU C 152 -13.20 -9.69 1.13
CA GLU C 152 -12.81 -10.05 -0.23
C GLU C 152 -14.00 -10.06 -1.15
N THR C 153 -15.12 -10.58 -0.68
CA THR C 153 -16.30 -10.72 -1.51
C THR C 153 -17.19 -9.50 -1.50
N THR C 154 -16.99 -8.58 -0.57
CA THR C 154 -17.77 -7.36 -0.57
C THR C 154 -16.98 -6.16 -1.09
N ALA C 155 -15.74 -6.36 -1.51
CA ALA C 155 -15.00 -5.28 -2.14
C ALA C 155 -15.33 -5.20 -3.62
N ASP C 156 -15.10 -4.02 -4.19
CA ASP C 156 -15.38 -3.76 -5.58
C ASP C 156 -14.52 -4.62 -6.48
N ARG C 157 -14.96 -4.80 -7.71
CA ARG C 157 -14.20 -5.64 -8.64
C ARG C 157 -13.00 -4.88 -9.16
N ASN C 158 -13.00 -3.56 -8.99
CA ASN C 158 -11.88 -2.69 -9.34
C ASN C 158 -11.36 -1.88 -8.16
N SER C 159 -11.41 -2.42 -6.95
CA SER C 159 -10.70 -1.83 -5.82
C SER C 159 -9.37 -2.53 -5.67
N TYR C 160 -8.27 -1.78 -5.83
CA TYR C 160 -6.95 -2.39 -5.90
C TYR C 160 -6.09 -2.11 -4.69
N GLY C 161 -6.65 -1.50 -3.66
CA GLY C 161 -5.87 -1.16 -2.48
C GLY C 161 -5.90 -2.26 -1.45
N PHE C 162 -4.69 -2.75 -1.10
CA PHE C 162 -4.42 -3.57 0.07
C PHE C 162 -5.18 -4.88 0.10
N ARG C 163 -5.61 -5.37 -1.03
CA ARG C 163 -6.29 -6.64 -1.01
C ARG C 163 -5.26 -7.74 -1.13
N GLN C 164 -5.73 -8.96 -1.23
CA GLN C 164 -4.81 -10.06 -1.39
C GLN C 164 -4.59 -10.28 -2.88
N GLY C 165 -3.36 -10.56 -3.25
CA GLY C 165 -3.03 -10.84 -4.63
C GLY C 165 -3.19 -9.68 -5.60
N ARG C 166 -3.06 -8.45 -5.14
CA ARG C 166 -3.21 -7.29 -6.00
C ARG C 166 -2.08 -6.31 -5.71
N CYS C 167 -1.31 -5.99 -6.73
CA CYS C 167 -0.23 -5.04 -6.63
C CYS C 167 -0.74 -3.68 -7.05
N THR C 168 0.09 -2.65 -6.93
CA THR C 168 -0.27 -1.37 -7.49
C THR C 168 -0.19 -1.37 -9.00
N ALA C 169 0.56 -2.31 -9.57
CA ALA C 169 0.71 -2.39 -11.02
C ALA C 169 -0.56 -2.86 -11.71
N ASP C 170 -1.40 -3.65 -11.03
CA ASP C 170 -2.65 -4.03 -11.66
C ASP C 170 -3.65 -2.90 -11.65
N ALA C 171 -3.44 -1.89 -10.78
CA ALA C 171 -4.20 -0.66 -10.94
C ALA C 171 -3.86 0.01 -12.25
N ALA C 172 -2.58 -0.03 -12.65
CA ALA C 172 -2.22 0.51 -13.94
C ALA C 172 -2.72 -0.37 -15.07
N GLY C 173 -2.78 -1.69 -14.88
CA GLY C 173 -3.35 -2.54 -15.91
C GLY C 173 -4.83 -2.32 -16.13
N GLN C 174 -5.57 -2.07 -15.05
CA GLN C 174 -6.95 -1.66 -15.17
C GLN C 174 -7.04 -0.28 -15.81
N CYS C 175 -6.10 0.61 -15.50
CA CYS C 175 -6.05 1.90 -16.20
C CYS C 175 -5.75 1.74 -17.66
N PHE C 176 -5.07 0.67 -18.05
CA PHE C 176 -4.79 0.45 -19.44
C PHE C 176 -6.04 -0.01 -20.18
N THR C 177 -6.67 -1.10 -19.70
CA THR C 177 -7.85 -1.59 -20.42
C THR C 177 -9.03 -0.65 -20.33
N VAL C 178 -9.12 0.14 -19.27
CA VAL C 178 -10.10 1.22 -19.24
C VAL C 178 -9.77 2.33 -20.22
N LEU C 179 -8.52 2.81 -20.26
CA LEU C 179 -8.23 4.05 -20.97
C LEU C 179 -7.43 3.82 -22.24
N GLY C 180 -7.62 2.70 -22.91
CA GLY C 180 -6.82 2.42 -24.09
C GLY C 180 -7.24 3.18 -25.34
N ARG C 181 -7.24 2.52 -26.48
CA ARG C 181 -7.71 3.14 -27.72
C ARG C 181 -9.21 3.36 -27.65
N SER C 182 -9.63 4.61 -27.53
CA SER C 182 -11.04 5.05 -27.53
C SER C 182 -11.91 4.37 -26.47
N ASP C 183 -11.29 3.72 -25.48
CA ASP C 183 -11.98 2.94 -24.47
C ASP C 183 -12.41 3.80 -23.30
N CYS C 184 -12.00 5.06 -23.29
CA CYS C 184 -12.82 6.07 -22.63
C CYS C 184 -13.01 7.15 -23.64
N ALA C 185 -13.54 8.26 -23.17
CA ALA C 185 -13.71 9.45 -23.99
C ALA C 185 -13.21 10.66 -23.24
N LYS C 186 -11.99 10.53 -22.71
CA LYS C 186 -11.04 11.62 -22.56
C LYS C 186 -11.37 12.60 -21.44
N TYR C 187 -12.13 12.25 -20.42
CA TYR C 187 -12.35 13.19 -19.33
C TYR C 187 -12.33 12.50 -17.99
N ILE C 188 -11.39 12.90 -17.13
CA ILE C 188 -11.09 12.17 -15.91
C ILE C 188 -10.98 13.11 -14.73
N LEU C 189 -11.77 12.85 -13.70
CA LEU C 189 -11.60 13.42 -12.39
C LEU C 189 -10.51 12.67 -11.64
N ASP C 190 -9.57 13.42 -11.07
CA ASP C 190 -8.66 12.89 -10.07
C ASP C 190 -9.02 13.51 -8.72
N ALA C 191 -9.53 12.69 -7.82
CA ALA C 191 -10.06 13.18 -6.56
C ALA C 191 -9.33 12.51 -5.41
N ASP C 192 -9.51 13.05 -4.20
CA ASP C 192 -8.93 12.45 -3.02
C ASP C 192 -9.73 12.86 -1.79
N ILE C 193 -9.60 12.07 -0.73
CA ILE C 193 -10.49 12.08 0.43
C ILE C 193 -9.92 12.96 1.53
N THR C 194 -10.78 13.75 2.18
CA THR C 194 -10.36 14.55 3.32
C THR C 194 -10.38 13.72 4.60
N GLY C 195 -10.06 14.39 5.71
CA GLY C 195 -10.10 13.78 7.02
C GLY C 195 -8.84 12.99 7.31
N CYS C 196 -8.18 13.22 8.45
CA CYS C 196 -6.89 12.56 8.62
C CYS C 196 -7.06 11.12 9.07
N PHE C 197 -7.53 10.89 10.28
CA PHE C 197 -7.54 9.54 10.84
C PHE C 197 -8.77 8.81 10.32
N ASP C 198 -9.16 7.73 11.00
CA ASP C 198 -10.47 7.15 10.74
C ASP C 198 -11.51 8.16 11.24
N ASN C 199 -11.75 9.16 10.39
CA ASN C 199 -12.65 10.27 10.64
C ASN C 199 -14.07 9.88 10.30
N ILE C 200 -14.23 8.62 9.91
CA ILE C 200 -15.53 8.00 9.73
C ILE C 200 -16.36 8.17 10.98
N SER C 201 -17.64 8.40 10.80
CA SER C 201 -18.51 8.48 11.96
C SER C 201 -18.62 7.11 12.59
N HIS C 202 -18.31 7.05 13.89
CA HIS C 202 -18.29 5.78 14.63
C HIS C 202 -19.67 5.14 14.65
N GLU C 203 -20.72 5.97 14.62
CA GLU C 203 -22.07 5.54 14.36
C GLU C 203 -22.15 4.68 13.10
N TRP C 204 -21.54 5.14 12.02
CA TRP C 204 -21.64 4.39 10.78
C TRP C 204 -20.80 3.12 10.83
N LEU C 205 -19.68 3.16 11.54
CA LEU C 205 -18.87 1.95 11.67
C LEU C 205 -19.64 0.89 12.45
N LEU C 206 -20.36 1.29 13.49
CA LEU C 206 -21.22 0.33 14.16
C LEU C 206 -22.46 0.00 13.35
N ASP C 207 -22.79 0.76 12.31
CA ASP C 207 -23.98 0.44 11.54
C ASP C 207 -23.81 -0.85 10.73
N ASN C 208 -22.91 -0.84 9.74
CA ASN C 208 -22.80 -1.98 8.81
C ASN C 208 -21.35 -2.35 8.49
N ILE C 209 -20.75 -3.14 9.36
CA ILE C 209 -19.49 -3.84 9.13
C ILE C 209 -19.70 -5.21 9.76
N PRO C 210 -19.47 -6.32 9.08
CA PRO C 210 -19.87 -7.61 9.66
C PRO C 210 -18.97 -8.04 10.79
N LEU C 211 -19.41 -7.76 12.00
CA LEU C 211 -18.61 -7.84 13.22
C LEU C 211 -19.51 -8.35 14.34
N ASP C 212 -18.90 -8.71 15.46
CA ASP C 212 -19.61 -8.74 16.73
C ASP C 212 -19.47 -7.38 17.39
N LYS C 213 -20.55 -6.61 17.36
CA LYS C 213 -20.47 -5.18 17.57
C LYS C 213 -20.21 -4.78 19.01
N GLU C 214 -20.17 -5.72 19.96
CA GLU C 214 -19.59 -5.37 21.25
C GLU C 214 -18.12 -5.10 21.12
N VAL C 215 -17.39 -5.96 20.41
CA VAL C 215 -15.94 -5.80 20.34
C VAL C 215 -15.60 -4.64 19.44
N LEU C 216 -16.35 -4.47 18.36
CA LEU C 216 -16.19 -3.29 17.53
C LEU C 216 -16.57 -2.03 18.29
N ARG C 217 -17.58 -2.09 19.15
CA ARG C 217 -17.92 -0.95 19.97
C ARG C 217 -16.82 -0.65 20.96
N LYS C 218 -16.20 -1.69 21.50
CA LYS C 218 -15.14 -1.51 22.49
C LYS C 218 -13.91 -0.89 21.89
N TRP C 219 -13.59 -1.25 20.66
CA TRP C 219 -12.48 -0.61 19.97
C TRP C 219 -12.75 0.86 19.75
N LEU C 220 -13.87 1.19 19.09
CA LEU C 220 -14.09 2.54 18.61
C LEU C 220 -14.34 3.54 19.73
N LYS C 221 -14.66 3.07 20.94
CA LYS C 221 -14.69 3.98 22.06
C LYS C 221 -13.27 4.24 22.56
N SER C 222 -12.40 3.26 22.44
CA SER C 222 -11.11 3.27 23.10
C SER C 222 -10.02 3.88 22.26
N GLY C 223 -10.33 4.83 21.40
CA GLY C 223 -9.32 5.46 20.58
C GLY C 223 -8.87 4.56 19.45
N PHE C 224 -8.21 3.46 19.79
CA PHE C 224 -7.98 2.25 19.00
C PHE C 224 -6.99 2.44 17.87
N VAL C 225 -6.80 3.64 17.38
CA VAL C 225 -5.75 3.99 16.44
C VAL C 225 -5.39 5.42 16.79
N TRP C 226 -4.10 5.68 17.03
CA TRP C 226 -3.69 7.01 17.42
C TRP C 226 -3.97 7.98 16.30
N LYS C 227 -4.66 9.06 16.66
CA LYS C 227 -5.55 9.83 15.79
C LYS C 227 -4.84 10.54 14.66
N GLN C 228 -3.56 10.29 14.47
CA GLN C 228 -2.83 10.60 13.27
C GLN C 228 -2.68 9.29 12.52
N GLN C 229 -3.74 8.91 11.83
CA GLN C 229 -3.76 7.79 10.90
C GLN C 229 -4.04 8.43 9.54
N LEU C 230 -3.81 7.69 8.47
CA LEU C 230 -4.16 8.15 7.16
C LEU C 230 -5.18 7.26 6.47
N PHE C 231 -5.69 6.25 7.14
CA PHE C 231 -6.55 5.14 6.71
C PHE C 231 -6.17 4.64 5.33
N PRO C 232 -5.06 3.94 5.20
CA PRO C 232 -4.75 3.56 3.83
C PRO C 232 -5.50 2.31 3.41
N GLY C 241 -1.04 -2.27 13.75
CA GLY C 241 -2.26 -1.63 13.28
C GLY C 241 -2.63 -2.11 11.91
N VAL C 242 -2.97 -3.39 11.82
CA VAL C 242 -3.23 -4.03 10.52
C VAL C 242 -4.74 -4.18 10.32
N ILE C 243 -5.55 -3.95 11.35
CA ILE C 243 -6.99 -4.07 11.20
C ILE C 243 -7.59 -2.86 10.49
N SER C 244 -7.02 -1.66 10.67
CA SER C 244 -7.51 -0.42 10.09
C SER C 244 -7.63 -0.35 8.56
N PRO C 245 -6.79 -1.02 7.73
CA PRO C 245 -7.10 -1.05 6.31
C PRO C 245 -8.29 -1.91 5.95
N MET C 246 -8.59 -2.93 6.73
CA MET C 246 -9.80 -3.71 6.48
C MET C 246 -11.04 -2.84 6.65
N LEU C 247 -11.03 -2.02 7.69
CA LEU C 247 -12.08 -1.02 7.90
C LEU C 247 -12.15 -0.05 6.74
N ALA C 248 -11.01 0.52 6.33
CA ALA C 248 -11.02 1.51 5.28
C ALA C 248 -11.39 0.91 3.92
N ASN C 249 -11.15 -0.38 3.70
CA ASN C 249 -11.73 -1.01 2.52
C ASN C 249 -13.23 -1.17 2.63
N MET C 250 -13.72 -1.70 3.76
CA MET C 250 -15.14 -1.98 3.87
C MET C 250 -15.98 -0.72 3.87
N THR C 251 -15.41 0.42 4.26
CA THR C 251 -16.17 1.66 4.15
C THR C 251 -16.36 2.11 2.72
N LEU C 252 -15.44 1.79 1.82
CA LEU C 252 -15.37 2.44 0.53
C LEU C 252 -15.62 1.44 -0.57
N ASP C 253 -16.66 0.62 -0.41
CA ASP C 253 -16.98 -0.34 -1.45
C ASP C 253 -18.38 -0.19 -2.02
N GLY C 254 -19.08 0.90 -1.71
CA GLY C 254 -20.26 1.15 -2.48
C GLY C 254 -20.04 1.95 -3.73
N MET C 255 -18.80 2.37 -4.00
CA MET C 255 -18.57 3.36 -5.03
C MET C 255 -18.79 2.82 -6.42
N GLU C 256 -18.43 1.56 -6.66
CA GLU C 256 -18.58 1.02 -8.01
C GLU C 256 -20.06 0.79 -8.35
N GLU C 257 -20.79 0.15 -7.44
CA GLU C 257 -22.19 -0.12 -7.69
C GLU C 257 -23.02 1.14 -7.59
N LEU C 258 -22.50 2.18 -6.94
CA LEU C 258 -23.20 3.44 -6.93
C LEU C 258 -22.94 4.22 -8.21
N LEU C 259 -21.76 4.06 -8.78
CA LEU C 259 -21.52 4.69 -10.08
C LEU C 259 -21.89 3.75 -11.21
N LYS C 260 -22.59 2.66 -10.92
CA LYS C 260 -23.32 1.92 -11.94
C LYS C 260 -24.67 2.57 -12.25
N LYS C 261 -25.06 3.56 -11.45
CA LYS C 261 -26.23 4.39 -11.74
C LYS C 261 -26.10 5.11 -13.07
N HIS C 262 -24.87 5.47 -13.46
CA HIS C 262 -24.65 6.03 -14.79
C HIS C 262 -24.49 4.91 -15.80
N LEU C 263 -25.57 4.62 -16.53
CA LEU C 263 -25.60 3.50 -17.47
C LEU C 263 -25.18 3.99 -18.84
N ARG C 264 -23.87 4.18 -19.04
CA ARG C 264 -23.33 4.52 -20.33
C ARG C 264 -22.28 3.45 -20.65
N LYS C 265 -21.68 3.52 -21.84
CA LYS C 265 -20.97 2.34 -22.34
C LYS C 265 -19.63 2.12 -21.62
N GLN C 266 -18.71 3.06 -21.72
CA GLN C 266 -17.48 3.00 -20.96
C GLN C 266 -17.24 4.36 -20.32
N LYS C 267 -18.30 5.11 -20.02
CA LYS C 267 -18.14 6.49 -19.58
C LYS C 267 -17.57 6.56 -18.18
N VAL C 268 -18.32 6.12 -17.17
CA VAL C 268 -17.81 6.07 -15.82
C VAL C 268 -17.19 4.71 -15.59
N ASN C 269 -15.90 4.71 -15.28
CA ASN C 269 -15.25 3.58 -14.65
C ASN C 269 -14.47 4.12 -13.46
N LEU C 270 -14.51 3.38 -12.36
CA LEU C 270 -13.77 3.73 -11.15
C LEU C 270 -12.64 2.73 -11.00
N ILE C 271 -11.42 3.25 -10.83
CA ILE C 271 -10.26 2.45 -10.50
C ILE C 271 -9.69 3.05 -9.24
N ARG C 272 -9.58 2.26 -8.18
CA ARG C 272 -9.29 2.78 -6.86
C ARG C 272 -8.17 1.97 -6.23
N TYR C 273 -7.12 2.67 -5.82
CA TYR C 273 -6.12 2.13 -4.90
C TYR C 273 -6.34 2.87 -3.60
N ALA C 274 -6.03 2.23 -2.47
CA ALA C 274 -6.78 2.23 -1.20
C ALA C 274 -7.46 3.56 -0.90
N ASP C 275 -6.83 4.70 -1.09
CA ASP C 275 -7.56 5.95 -1.00
C ASP C 275 -7.25 6.90 -2.15
N ASP C 276 -6.91 6.37 -3.32
CA ASP C 276 -6.71 7.15 -4.53
C ASP C 276 -7.60 6.57 -5.61
N PHE C 277 -8.50 7.37 -6.15
CA PHE C 277 -9.33 6.86 -7.23
C PHE C 277 -9.51 7.93 -8.29
N VAL C 278 -9.61 7.48 -9.53
CA VAL C 278 -9.88 8.34 -10.67
C VAL C 278 -11.10 7.79 -11.38
N VAL C 279 -12.02 8.67 -11.74
CA VAL C 279 -13.27 8.27 -12.36
C VAL C 279 -13.32 8.92 -13.72
N THR C 280 -13.60 8.12 -14.73
CA THR C 280 -13.59 8.55 -16.12
C THR C 280 -14.89 9.29 -16.45
N GLY C 281 -15.13 9.49 -17.73
CA GLY C 281 -16.34 10.17 -18.14
C GLY C 281 -16.33 10.48 -19.61
N GLU C 282 -17.25 11.36 -20.02
CA GLU C 282 -16.96 12.17 -21.19
C GLU C 282 -17.51 13.59 -21.09
N SER C 283 -17.51 14.20 -19.92
CA SER C 283 -17.73 15.63 -19.91
C SER C 283 -17.01 16.22 -18.72
N LYS C 284 -17.23 17.51 -18.51
CA LYS C 284 -16.95 18.08 -17.20
C LYS C 284 -18.22 18.31 -16.39
N GLU C 285 -19.40 18.14 -17.00
CA GLU C 285 -20.62 18.27 -16.22
C GLU C 285 -21.15 16.92 -15.74
N THR C 286 -20.96 15.86 -16.52
CA THR C 286 -21.34 14.54 -16.03
C THR C 286 -20.35 14.06 -14.99
N LEU C 287 -19.12 14.55 -15.04
CA LEU C 287 -18.26 14.39 -13.90
C LEU C 287 -18.67 15.28 -12.74
N GLU C 288 -19.44 16.34 -12.96
CA GLU C 288 -19.99 16.99 -11.79
C GLU C 288 -21.15 16.20 -11.20
N LYS C 289 -21.85 15.44 -12.04
CA LYS C 289 -22.80 14.47 -11.52
C LYS C 289 -22.10 13.42 -10.67
N VAL C 290 -20.92 12.98 -11.11
CA VAL C 290 -20.17 11.98 -10.35
C VAL C 290 -19.60 12.58 -9.06
N THR C 291 -19.22 13.86 -9.06
CA THR C 291 -18.82 14.46 -7.80
C THR C 291 -19.98 14.60 -6.84
N THR C 292 -21.18 14.89 -7.34
CA THR C 292 -22.33 14.96 -6.45
C THR C 292 -22.66 13.60 -5.87
N VAL C 293 -22.59 12.55 -6.70
CA VAL C 293 -22.84 11.18 -6.23
C VAL C 293 -21.82 10.79 -5.16
N ILE C 294 -20.54 11.06 -5.41
CA ILE C 294 -19.50 10.60 -4.50
C ILE C 294 -19.47 11.46 -3.23
N GLN C 295 -19.82 12.73 -3.33
CA GLN C 295 -19.91 13.50 -2.10
C GLN C 295 -21.12 13.12 -1.28
N GLU C 296 -22.21 12.68 -1.93
CA GLU C 296 -23.30 12.08 -1.16
C GLU C 296 -22.90 10.77 -0.52
N PHE C 297 -22.10 9.97 -1.21
CA PHE C 297 -21.68 8.68 -0.67
C PHE C 297 -20.74 8.83 0.51
N LEU C 298 -19.77 9.71 0.40
CA LEU C 298 -18.90 9.97 1.52
C LEU C 298 -19.55 10.80 2.61
N LYS C 299 -20.64 11.52 2.29
CA LYS C 299 -21.34 12.30 3.31
C LYS C 299 -22.01 11.42 4.34
N GLU C 300 -22.35 10.19 3.96
CA GLU C 300 -22.95 9.26 4.91
C GLU C 300 -21.93 8.80 5.94
N ARG C 301 -20.66 8.89 5.61
CA ARG C 301 -19.54 8.70 6.50
C ARG C 301 -19.02 10.07 6.88
N GLY C 302 -17.86 10.11 7.52
CA GLY C 302 -17.32 11.41 7.85
C GLY C 302 -16.38 11.95 6.79
N LEU C 303 -16.48 11.41 5.58
CA LEU C 303 -15.48 11.62 4.54
C LEU C 303 -16.02 12.60 3.52
N THR C 304 -15.11 13.29 2.83
CA THR C 304 -15.46 14.18 1.72
C THR C 304 -14.35 14.15 0.69
N LEU C 305 -14.72 14.36 -0.56
CA LEU C 305 -13.76 14.86 -1.52
C LEU C 305 -13.43 16.30 -1.16
N SER C 306 -12.19 16.71 -1.40
CA SER C 306 -11.87 18.10 -1.09
C SER C 306 -12.32 19.00 -2.22
N GLU C 307 -12.03 20.29 -2.10
CA GLU C 307 -12.17 21.20 -3.22
C GLU C 307 -10.84 21.46 -3.89
N GLU C 308 -9.76 21.35 -3.13
CA GLU C 308 -8.42 21.65 -3.63
C GLU C 308 -7.89 20.56 -4.54
N LYS C 309 -7.80 19.33 -4.04
CA LYS C 309 -7.19 18.26 -4.81
C LYS C 309 -8.08 17.83 -5.97
N THR C 310 -9.38 17.75 -5.75
CA THR C 310 -10.26 17.06 -6.67
C THR C 310 -10.52 17.91 -7.89
N LYS C 311 -9.82 17.60 -8.98
CA LYS C 311 -9.94 18.38 -10.20
C LYS C 311 -10.26 17.45 -11.35
N VAL C 312 -11.19 17.86 -12.18
CA VAL C 312 -11.40 17.16 -13.43
C VAL C 312 -10.30 17.57 -14.38
N VAL C 313 -9.81 16.64 -15.18
CA VAL C 313 -8.70 16.93 -16.05
C VAL C 313 -8.80 16.07 -17.29
N HIS C 314 -8.67 16.70 -18.43
CA HIS C 314 -8.87 16.07 -19.73
C HIS C 314 -7.59 15.37 -20.11
N ILE C 315 -7.60 14.05 -20.17
CA ILE C 315 -6.51 13.40 -20.90
C ILE C 315 -6.80 13.62 -22.38
N GLU C 316 -5.85 14.22 -23.11
CA GLU C 316 -4.44 14.41 -22.80
C GLU C 316 -3.95 15.70 -22.06
N GLU C 317 -4.24 15.80 -20.82
CA GLU C 317 -3.38 16.69 -20.03
C GLU C 317 -2.77 15.96 -18.87
N GLY C 318 -3.51 15.08 -18.23
CA GLY C 318 -2.83 14.08 -17.45
C GLY C 318 -2.93 14.17 -15.96
N PHE C 319 -3.17 13.02 -15.34
CA PHE C 319 -3.25 12.89 -13.90
C PHE C 319 -2.16 11.96 -13.44
N ASP C 320 -1.64 12.19 -12.23
CA ASP C 320 -0.60 11.35 -11.65
C ASP C 320 -1.23 10.30 -10.75
N PHE C 321 -1.09 9.03 -11.12
CA PHE C 321 -1.75 7.94 -10.43
C PHE C 321 -0.71 6.97 -9.91
N LEU C 322 -0.50 6.96 -8.59
CA LEU C 322 0.43 6.07 -7.90
C LEU C 322 1.85 6.22 -8.41
N GLY C 323 2.29 7.46 -8.63
CA GLY C 323 3.58 7.64 -9.22
C GLY C 323 3.62 7.54 -10.71
N TRP C 324 2.57 7.03 -11.37
CA TRP C 324 2.54 6.92 -12.81
C TRP C 324 1.74 8.06 -13.43
N ASN C 325 2.33 8.74 -14.39
CA ASN C 325 1.63 9.76 -15.15
C ASN C 325 0.89 9.10 -16.28
N ILE C 326 -0.38 9.45 -16.45
CA ILE C 326 -1.22 8.94 -17.53
C ILE C 326 -1.52 10.11 -18.46
N ARG C 327 -1.23 9.98 -19.74
CA ARG C 327 -1.64 11.00 -20.69
C ARG C 327 -2.08 10.26 -21.95
N LYS C 328 -2.16 10.92 -23.10
CA LYS C 328 -2.42 10.24 -24.35
C LYS C 328 -1.32 10.46 -25.37
N TYR C 329 -0.77 11.67 -25.41
CA TYR C 329 0.30 12.08 -26.32
C TYR C 329 -0.11 11.85 -27.77
N GLY C 330 -1.34 12.25 -28.09
CA GLY C 330 -1.90 12.02 -29.40
C GLY C 330 -2.23 10.57 -29.64
N GLU C 331 -3.17 10.04 -28.86
CA GLU C 331 -3.74 8.69 -29.02
C GLU C 331 -2.71 7.58 -28.96
N LYS C 332 -1.88 7.61 -27.92
CA LYS C 332 -1.25 6.48 -27.30
C LYS C 332 -1.80 6.45 -25.88
N LEU C 333 -1.27 5.58 -25.02
CA LEU C 333 -1.62 5.77 -23.62
C LEU C 333 -0.44 6.24 -22.79
N LEU C 334 0.67 5.51 -22.80
CA LEU C 334 1.94 5.92 -22.21
C LEU C 334 1.81 6.19 -20.71
N ILE C 335 1.66 5.10 -19.97
CA ILE C 335 1.70 5.19 -18.52
C ILE C 335 3.16 5.44 -18.13
N LYS C 336 3.53 6.66 -17.99
CA LYS C 336 4.93 6.87 -17.67
C LYS C 336 5.07 7.03 -16.18
N PRO C 337 6.19 6.67 -15.57
CA PRO C 337 6.37 6.96 -14.15
C PRO C 337 6.67 8.44 -13.96
N ALA C 338 5.80 9.09 -13.20
CA ALA C 338 5.70 10.54 -13.21
C ALA C 338 6.94 11.16 -12.61
N LYS C 339 7.17 12.42 -12.95
CA LYS C 339 8.37 13.07 -12.48
C LYS C 339 8.23 13.65 -11.10
N LYS C 340 7.25 13.20 -10.34
CA LYS C 340 7.33 13.19 -8.90
C LYS C 340 7.57 11.81 -8.33
N ASN C 341 7.81 10.82 -9.18
CA ASN C 341 8.40 9.58 -8.71
C ASN C 341 9.90 9.60 -8.96
N ILE C 342 10.32 10.17 -10.08
CA ILE C 342 11.72 10.25 -10.46
C ILE C 342 12.48 11.13 -9.49
N LYS C 343 11.87 12.23 -9.06
CA LYS C 343 12.53 13.12 -8.11
C LYS C 343 12.70 12.48 -6.75
N ALA C 344 11.71 11.71 -6.28
CA ALA C 344 11.86 11.03 -5.00
C ALA C 344 12.90 9.93 -5.09
N PHE C 345 13.01 9.28 -6.25
CA PHE C 345 14.05 8.28 -6.44
C PHE C 345 15.44 8.89 -6.43
N HIS C 346 15.62 10.01 -7.13
CA HIS C 346 16.94 10.61 -7.11
C HIS C 346 17.23 11.24 -5.76
N LYS C 347 16.20 11.56 -4.99
CA LYS C 347 16.46 11.98 -3.63
C LYS C 347 16.96 10.82 -2.79
N LYS C 348 16.46 9.60 -3.03
CA LYS C 348 16.99 8.43 -2.34
C LYS C 348 18.46 8.19 -2.68
N ILE C 349 18.80 8.25 -3.96
CA ILE C 349 20.19 7.97 -4.32
C ILE C 349 21.14 9.10 -3.92
N ARG C 350 20.72 10.36 -4.10
CA ARG C 350 21.49 11.50 -3.60
C ARG C 350 21.73 11.41 -2.11
N ASP C 351 20.75 10.97 -1.35
CA ASP C 351 20.98 10.83 0.08
C ASP C 351 21.96 9.70 0.39
N ALA C 352 21.89 8.60 -0.38
CA ALA C 352 22.84 7.52 -0.14
C ALA C 352 24.28 7.93 -0.45
N LEU C 353 24.47 8.70 -1.51
CA LEU C 353 25.84 9.02 -1.91
C LEU C 353 26.35 10.29 -1.28
N LYS C 354 25.51 11.06 -0.62
CA LYS C 354 26.06 11.99 0.34
C LYS C 354 26.34 11.28 1.66
N GLU C 355 25.73 10.11 1.85
CA GLU C 355 25.93 9.42 3.12
C GLU C 355 27.18 8.58 3.09
N LEU C 356 27.40 7.85 2.00
CA LEU C 356 28.59 7.04 1.86
C LEU C 356 29.65 7.85 1.14
N ARG C 357 29.86 9.08 1.58
CA ARG C 357 30.70 9.99 0.84
C ARG C 357 32.16 9.56 0.82
N THR C 358 32.61 8.94 1.90
CA THR C 358 33.95 8.38 2.00
C THR C 358 33.89 6.92 2.44
N ALA C 359 33.11 6.11 1.76
CA ALA C 359 33.05 4.70 2.11
C ALA C 359 33.85 3.90 1.12
N THR C 360 33.74 2.59 1.26
CA THR C 360 34.30 1.64 0.32
C THR C 360 33.50 1.70 -0.97
N GLN C 361 34.11 1.28 -2.06
CA GLN C 361 33.36 1.15 -3.30
C GLN C 361 32.35 0.02 -3.22
N GLU C 362 32.72 -1.10 -2.59
CA GLU C 362 31.80 -2.22 -2.54
C GLU C 362 30.61 -1.94 -1.63
N ALA C 363 30.75 -1.04 -0.67
CA ALA C 363 29.57 -0.60 0.06
C ALA C 363 28.66 0.25 -0.81
N VAL C 364 29.23 1.03 -1.73
CA VAL C 364 28.38 1.85 -2.59
C VAL C 364 27.66 0.99 -3.58
N ILE C 365 28.32 -0.08 -4.04
CA ILE C 365 27.63 -1.10 -4.82
C ILE C 365 26.49 -1.72 -4.01
N ASP C 366 26.76 -2.11 -2.77
CA ASP C 366 25.79 -2.88 -2.01
C ASP C 366 24.64 -2.04 -1.51
N THR C 367 24.80 -0.72 -1.41
CA THR C 367 23.67 0.12 -1.02
C THR C 367 22.93 0.71 -2.20
N LEU C 368 23.60 1.04 -3.31
CA LEU C 368 22.84 1.52 -4.44
C LEU C 368 22.14 0.42 -5.18
N ASN C 369 22.63 -0.80 -5.07
CA ASN C 369 22.06 -1.87 -5.88
C ASN C 369 20.63 -2.25 -5.51
N PRO C 370 20.21 -2.35 -4.23
CA PRO C 370 18.79 -2.62 -4.00
C PRO C 370 17.89 -1.45 -4.29
N ILE C 371 18.34 -0.21 -4.13
CA ILE C 371 17.51 0.95 -4.44
C ILE C 371 17.15 0.96 -5.91
N ILE C 372 18.14 0.75 -6.77
CA ILE C 372 17.92 0.77 -8.20
C ILE C 372 17.13 -0.45 -8.62
N LYS C 373 17.35 -1.59 -7.97
CA LYS C 373 16.58 -2.77 -8.34
C LYS C 373 15.13 -2.66 -7.87
N GLY C 374 14.89 -1.92 -6.79
CA GLY C 374 13.53 -1.75 -6.32
C GLY C 374 12.74 -0.77 -7.17
N TRP C 375 13.36 0.34 -7.57
CA TRP C 375 12.67 1.24 -8.49
C TRP C 375 12.73 0.69 -9.91
N ALA C 376 13.41 -0.42 -10.12
CA ALA C 376 13.32 -1.08 -11.39
C ALA C 376 12.12 -2.00 -11.45
N ASN C 377 12.01 -2.94 -10.52
CA ASN C 377 10.93 -3.92 -10.64
C ASN C 377 9.56 -3.36 -10.29
N TYR C 378 9.49 -2.19 -9.67
CA TYR C 378 8.19 -1.59 -9.39
C TYR C 378 7.53 -1.10 -10.65
N HIS C 379 8.29 -0.59 -11.61
CA HIS C 379 7.78 -0.48 -12.97
C HIS C 379 8.73 -1.07 -13.97
N ARG C 380 8.64 -2.38 -14.09
CA ARG C 380 9.18 -3.11 -15.22
C ARG C 380 8.07 -3.61 -16.14
N ASN C 381 6.90 -2.98 -16.10
CA ASN C 381 5.80 -3.42 -16.92
C ASN C 381 5.37 -2.36 -17.94
N GLN C 382 5.51 -1.09 -17.63
CA GLN C 382 4.92 -0.02 -18.43
C GLN C 382 6.03 0.78 -19.07
N VAL C 383 5.66 1.92 -19.66
CA VAL C 383 6.59 2.70 -20.47
C VAL C 383 7.59 3.33 -19.52
N SER C 384 8.75 2.73 -19.38
CA SER C 384 9.74 3.31 -18.47
C SER C 384 11.16 3.26 -19.00
N LYS C 385 11.39 2.70 -20.19
CA LYS C 385 12.74 2.40 -20.64
C LYS C 385 13.55 3.66 -20.86
N ARG C 386 12.97 4.64 -21.56
CA ARG C 386 13.67 5.89 -21.79
C ARG C 386 13.85 6.64 -20.49
N ILE C 387 12.91 6.46 -19.57
CA ILE C 387 13.00 7.07 -18.26
C ILE C 387 14.03 6.36 -17.42
N PHE C 388 14.23 5.06 -17.67
CA PHE C 388 15.34 4.35 -17.05
C PHE C 388 16.68 4.85 -17.56
N ASN C 389 16.81 5.13 -18.86
CA ASN C 389 18.08 5.66 -19.35
C ASN C 389 18.37 7.04 -18.80
N ARG C 390 17.36 7.86 -18.68
CA ARG C 390 17.65 9.15 -18.07
C ARG C 390 17.98 9.00 -16.60
N ALA C 391 17.43 7.97 -15.94
CA ALA C 391 17.84 7.68 -14.57
C ALA C 391 19.27 7.15 -14.51
N ASP C 392 19.70 6.38 -15.50
CA ASP C 392 21.06 5.84 -15.46
C ASP C 392 22.11 6.87 -15.85
N ASP C 393 21.78 7.77 -16.78
CA ASP C 393 22.55 9.02 -16.92
C ASP C 393 22.69 9.71 -15.59
N ASN C 394 21.60 9.84 -14.86
CA ASN C 394 21.65 10.71 -13.71
C ASN C 394 22.45 10.07 -12.58
N ILE C 395 22.35 8.75 -12.43
CA ILE C 395 23.19 8.14 -11.41
C ILE C 395 24.60 7.96 -11.91
N TRP C 396 24.84 7.99 -13.23
CA TRP C 396 26.24 7.97 -13.65
C TRP C 396 26.92 9.25 -13.29
N HIS C 397 26.27 10.38 -13.48
CA HIS C 397 26.96 11.59 -13.11
C HIS C 397 27.08 11.71 -11.60
N LYS C 398 26.16 11.09 -10.86
CA LYS C 398 26.38 11.03 -9.41
C LYS C 398 27.59 10.17 -9.06
N LEU C 399 27.80 9.07 -9.79
CA LEU C 399 28.99 8.28 -9.54
C LEU C 399 30.27 8.89 -10.09
N TRP C 400 30.18 9.75 -11.08
CA TRP C 400 31.42 10.35 -11.54
C TRP C 400 31.84 11.46 -10.61
N ARG C 401 30.89 12.17 -10.02
CA ARG C 401 31.29 13.09 -8.97
C ARG C 401 31.71 12.32 -7.72
N TRP C 402 31.19 11.11 -7.53
CA TRP C 402 31.73 10.19 -6.52
C TRP C 402 33.20 9.88 -6.77
N ALA C 403 33.51 9.32 -7.93
CA ALA C 403 34.87 8.86 -8.18
C ALA C 403 35.83 9.98 -8.44
N LYS C 404 35.34 11.20 -8.60
CA LYS C 404 36.23 12.30 -8.91
C LYS C 404 36.39 13.25 -7.72
N ARG C 405 35.43 13.27 -6.81
CA ARG C 405 35.61 14.04 -5.59
C ARG C 405 36.59 13.38 -4.68
N ARG C 406 36.68 12.07 -4.77
CA ARG C 406 37.31 11.27 -3.75
C ARG C 406 38.83 11.35 -3.82
N HIS C 407 39.37 11.53 -5.03
CA HIS C 407 40.81 11.75 -5.25
C HIS C 407 41.08 13.17 -5.68
N PRO C 408 41.58 14.02 -4.81
CA PRO C 408 41.53 15.46 -5.09
C PRO C 408 42.60 15.99 -6.03
N ASN C 409 43.66 15.25 -6.32
CA ASN C 409 44.66 15.78 -7.24
C ASN C 409 45.21 14.71 -8.17
N LYS C 410 44.35 13.80 -8.59
CA LYS C 410 44.79 12.77 -9.50
C LYS C 410 44.06 12.90 -10.82
N PRO C 411 44.70 12.53 -11.93
CA PRO C 411 44.09 12.76 -13.24
C PRO C 411 42.84 11.92 -13.46
N ALA C 412 42.11 12.25 -14.51
CA ALA C 412 40.80 11.65 -14.64
C ALA C 412 40.88 10.27 -15.23
N ARG C 413 41.90 9.98 -16.04
CA ARG C 413 42.09 8.60 -16.49
C ARG C 413 42.42 7.68 -15.33
N TRP C 414 43.04 8.23 -14.28
CA TRP C 414 43.37 7.44 -13.11
C TRP C 414 42.11 7.02 -12.37
N THR C 415 41.21 7.96 -12.09
CA THR C 415 39.99 7.60 -11.39
C THR C 415 39.11 6.75 -12.27
N LYS C 416 39.14 6.99 -13.58
CA LYS C 416 38.32 6.18 -14.49
C LYS C 416 38.74 4.73 -14.49
N ASN C 417 40.04 4.45 -14.64
CA ASN C 417 40.39 3.04 -14.68
C ASN C 417 40.52 2.46 -13.28
N LYS C 418 40.47 3.32 -12.25
CA LYS C 418 40.49 2.80 -10.89
C LYS C 418 39.10 2.28 -10.50
N TYR C 419 38.05 3.05 -10.78
CA TYR C 419 36.72 2.66 -10.36
C TYR C 419 35.85 2.02 -11.43
N PHE C 420 35.95 2.47 -12.68
CA PHE C 420 35.05 2.03 -13.72
C PHE C 420 35.77 0.99 -14.57
N ILE C 421 35.21 -0.20 -14.68
CA ILE C 421 35.93 -1.32 -15.29
C ILE C 421 35.09 -1.99 -16.38
N LYS C 422 35.67 -2.09 -17.58
CA LYS C 422 35.01 -2.72 -18.74
C LYS C 422 34.63 -4.16 -18.48
N ILE C 423 33.37 -4.50 -18.72
CA ILE C 423 32.93 -5.88 -18.54
C ILE C 423 32.38 -6.50 -19.82
N GLY C 424 31.82 -5.75 -20.74
CA GLY C 424 31.29 -6.38 -21.93
C GLY C 424 31.74 -5.60 -23.14
N ASN C 425 30.78 -5.24 -23.99
CA ASN C 425 31.02 -4.18 -24.96
C ASN C 425 31.30 -2.87 -24.27
N ARG C 426 30.66 -2.60 -23.16
CA ARG C 426 30.72 -1.28 -22.57
C ARG C 426 31.89 -1.15 -21.61
N HIS C 427 32.51 0.00 -21.69
CA HIS C 427 33.41 0.54 -20.69
C HIS C 427 32.50 1.30 -19.74
N TRP C 428 33.08 2.00 -18.77
CA TRP C 428 32.34 2.81 -17.79
C TRP C 428 31.32 2.02 -17.00
N VAL C 429 31.63 0.78 -16.66
CA VAL C 429 30.82 0.01 -15.73
C VAL C 429 31.36 0.24 -14.34
N PHE C 430 30.52 0.69 -13.43
CA PHE C 430 30.99 0.99 -12.10
C PHE C 430 31.07 -0.33 -11.34
N GLY C 431 32.27 -0.81 -11.08
CA GLY C 431 32.40 -2.03 -10.32
C GLY C 431 33.68 -2.78 -10.60
N THR C 432 34.33 -3.26 -9.56
CA THR C 432 35.69 -3.75 -9.67
C THR C 432 35.76 -5.23 -9.33
N TRP C 433 36.98 -5.72 -9.20
CA TRP C 433 37.23 -7.01 -8.59
C TRP C 433 38.58 -7.06 -7.89
N ARG C 442 36.23 -12.56 -10.27
CA ARG C 442 34.82 -12.29 -10.49
C ARG C 442 34.60 -10.87 -10.96
N SER C 443 33.39 -10.36 -10.77
CA SER C 443 33.05 -8.98 -11.09
C SER C 443 31.79 -8.58 -10.36
N ARG C 444 31.89 -7.63 -9.44
CA ARG C 444 30.75 -7.10 -8.72
C ARG C 444 30.56 -5.66 -9.16
N TYR C 445 29.35 -5.33 -9.61
CA TYR C 445 29.14 -4.03 -10.25
C TYR C 445 27.69 -3.62 -10.16
N LEU C 446 27.44 -2.32 -10.34
CA LEU C 446 26.08 -1.78 -10.28
C LEU C 446 25.17 -2.34 -11.36
N ILE C 447 23.92 -2.58 -10.99
CA ILE C 447 23.00 -3.11 -11.96
C ILE C 447 22.14 -1.98 -12.50
N LYS C 448 22.19 -1.83 -13.83
CA LYS C 448 21.59 -0.74 -14.56
C LYS C 448 20.08 -0.81 -14.50
N ALA C 449 19.45 0.33 -14.22
CA ALA C 449 18.02 0.40 -14.33
C ALA C 449 17.57 0.35 -15.79
N GLY C 450 18.47 0.69 -16.70
CA GLY C 450 18.11 0.62 -18.10
C GLY C 450 18.00 -0.79 -18.62
N ASP C 451 18.55 -1.75 -17.88
CA ASP C 451 18.63 -3.12 -18.36
C ASP C 451 17.58 -4.04 -17.78
N THR C 452 16.35 -3.56 -17.56
CA THR C 452 15.42 -4.34 -16.76
C THR C 452 14.31 -4.96 -17.57
N ARG C 453 14.38 -4.87 -18.90
CA ARG C 453 13.64 -5.73 -19.83
C ARG C 453 12.13 -5.68 -19.63
N ILE C 454 11.52 -4.57 -19.98
CA ILE C 454 10.11 -4.30 -19.66
C ILE C 454 9.15 -5.30 -20.28
N GLN C 455 8.34 -5.94 -19.41
CA GLN C 455 7.27 -6.83 -19.87
C GLN C 455 6.10 -6.07 -20.45
N ARG C 456 6.26 -5.70 -21.73
CA ARG C 456 5.31 -5.00 -22.61
C ARG C 456 4.50 -3.85 -21.97
#